data_8I29
#
_entry.id   8I29
#
_cell.length_a   64.426
_cell.length_b   79.351
_cell.length_c   212.932
_cell.angle_alpha   90.00
_cell.angle_beta   90.00
_cell.angle_gamma   90.00
#
_symmetry.space_group_name_H-M   'I 2 2 2'
#
loop_
_entity.id
_entity.type
_entity.pdbx_description
1 polymer 'NADH-dependent butanol dehydrogenase A'
2 non-polymer 'COBALT (II) ION'
3 non-polymer NICOTINAMIDE-ADENINE-DINUCLEOTIDE
4 non-polymer 'CHLORIDE ION'
5 non-polymer 'PHOSPHATE ION'
6 water water
#
_entity_poly.entity_id   1
_entity_poly.type   'polypeptide(L)'
_entity_poly.pdbx_seq_one_letter_code
;MDNFNYKNDTKIIFGKDNYSEIGKNIKIFSKKTPKILLHYEADGELIKKLGIYEKVISSLKEFDIEFIELGGVVPNPRLS
LVYEGIKICKEENITFILAVGGASVIDSAKAISLGAVDNGDVWDFFTAKRIPQDTLGIGVVLTIPGAGSEMSESSIITDE
NKKQKAVCDTEVNFPKFAILNPEVCYTIPDRLMAAGIVDILSHLMERYFTKSIDTALSDSLIEATMKIVIKYGPLLMKDR
KNYNYCSQIMWAATMAHNGMIACGRVADWASHRIEHEISGIYDLTHGIGMAIIFPAWMKYTKNIRPQIFEKFFKEVFNTV
NIDEGINKLEEFFKSLGINLKLSDYGITEEYFSLMAEKALGNSETLGRFMQLNKQDIINILNLAK
;
_entity_poly.pdbx_strand_id   A
#
loop_
_chem_comp.id
_chem_comp.type
_chem_comp.name
_chem_comp.formula
CL non-polymer 'CHLORIDE ION' 'Cl -1'
CO non-polymer 'COBALT (II) ION' 'Co 2'
NAD non-polymer NICOTINAMIDE-ADENINE-DINUCLEOTIDE 'C21 H27 N7 O14 P2'
PO4 non-polymer 'PHOSPHATE ION' 'O4 P -3'
#
# COMPACT_ATOMS: atom_id res chain seq x y z
N ASP A 2 20.59 -9.33 14.83
CA ASP A 2 19.68 -9.00 13.71
C ASP A 2 20.45 -8.23 12.64
N ASN A 3 20.62 -8.87 11.48
CA ASN A 3 21.25 -8.30 10.30
C ASN A 3 20.16 -8.09 9.24
N PHE A 4 20.42 -7.26 8.24
CA PHE A 4 19.40 -6.96 7.24
C PHE A 4 20.07 -6.47 5.97
N ASN A 5 19.30 -6.60 4.87
CA ASN A 5 19.71 -6.09 3.57
C ASN A 5 18.69 -5.05 3.07
N TYR A 6 19.16 -4.12 2.24
CA TYR A 6 18.29 -3.11 1.66
C TYR A 6 18.77 -2.69 0.28
N LYS A 7 17.87 -2.85 -0.71
CA LYS A 7 17.97 -2.25 -2.03
C LYS A 7 16.61 -1.67 -2.43
N ASN A 8 16.65 -0.56 -3.17
CA ASN A 8 15.45 0.02 -3.76
C ASN A 8 15.89 1.04 -4.81
N ASP A 9 15.64 0.71 -6.09
CA ASP A 9 16.23 1.41 -7.21
C ASP A 9 15.22 2.35 -7.85
N THR A 10 14.00 2.40 -7.28
CA THR A 10 12.94 3.23 -7.84
C THR A 10 13.28 4.70 -7.64
N LYS A 11 13.32 5.44 -8.74
CA LYS A 11 13.61 6.85 -8.70
C LYS A 11 12.30 7.53 -8.31
N ILE A 12 12.40 8.48 -7.40
CA ILE A 12 11.24 9.17 -6.88
C ILE A 12 11.33 10.62 -7.32
N ILE A 13 10.30 11.05 -8.05
CA ILE A 13 10.09 12.45 -8.41
C ILE A 13 8.93 13.00 -7.57
N PHE A 14 9.30 13.79 -6.54
CA PHE A 14 8.35 14.28 -5.55
C PHE A 14 8.05 15.76 -5.80
N GLY A 15 6.76 16.12 -5.83
CA GLY A 15 6.39 17.51 -6.00
C GLY A 15 5.25 17.75 -6.98
N LYS A 16 5.06 19.03 -7.29
CA LYS A 16 3.99 19.47 -8.17
C LYS A 16 4.56 20.38 -9.25
N ASP A 17 3.75 20.63 -10.30
CA ASP A 17 4.04 21.56 -11.39
C ASP A 17 5.34 21.12 -12.08
N ASN A 18 5.36 19.83 -12.44
CA ASN A 18 6.54 19.15 -12.92
C ASN A 18 6.07 18.00 -13.82
N TYR A 19 5.12 18.32 -14.70
CA TYR A 19 4.50 17.29 -15.51
C TYR A 19 5.41 16.93 -16.70
N SER A 20 6.43 17.75 -16.95
CA SER A 20 7.39 17.44 -17.99
C SER A 20 8.26 16.24 -17.60
N GLU A 21 8.33 15.90 -16.31
CA GLU A 21 9.26 14.86 -15.88
C GLU A 21 8.70 13.48 -16.25
N ILE A 22 7.44 13.44 -16.68
CA ILE A 22 6.90 12.20 -17.20
C ILE A 22 7.67 11.87 -18.48
N GLY A 23 7.61 12.78 -19.46
CA GLY A 23 8.31 12.60 -20.72
C GLY A 23 9.80 12.44 -20.50
N LYS A 24 10.37 13.33 -19.69
CA LYS A 24 11.80 13.38 -19.41
C LYS A 24 12.27 12.05 -18.82
N ASN A 25 11.47 11.43 -17.96
CA ASN A 25 11.89 10.21 -17.30
C ASN A 25 11.60 9.02 -18.20
N ILE A 26 10.61 9.14 -19.09
CA ILE A 26 10.43 8.13 -20.11
C ILE A 26 11.69 8.09 -20.98
N LYS A 27 12.26 9.25 -21.30
CA LYS A 27 13.42 9.27 -22.17
C LYS A 27 14.61 8.67 -21.43
N ILE A 28 14.68 8.90 -20.11
CA ILE A 28 15.86 8.51 -19.35
C ILE A 28 15.89 6.99 -19.15
N PHE A 29 14.79 6.28 -19.39
CA PHE A 29 14.71 4.87 -19.01
C PHE A 29 14.15 3.99 -20.13
N SER A 30 14.02 4.47 -21.37
CA SER A 30 13.53 3.63 -22.47
C SER A 30 14.67 3.14 -23.35
N LYS A 31 14.36 2.18 -24.23
CA LYS A 31 15.28 1.70 -25.25
C LYS A 31 15.23 2.63 -26.49
N LYS A 32 16.37 3.29 -26.77
CA LYS A 32 16.49 4.14 -27.95
C LYS A 32 15.22 4.96 -28.06
N THR A 33 14.67 5.06 -29.27
CA THR A 33 13.45 5.83 -29.47
C THR A 33 12.34 5.21 -28.63
N PRO A 34 11.53 6.03 -27.92
CA PRO A 34 10.49 5.52 -27.04
C PRO A 34 9.11 5.44 -27.68
N LYS A 35 8.42 4.34 -27.38
CA LYS A 35 7.02 4.15 -27.71
C LYS A 35 6.41 3.46 -26.51
N ILE A 36 5.38 4.08 -25.89
CA ILE A 36 4.99 3.67 -24.55
C ILE A 36 3.55 3.16 -24.53
N LEU A 37 3.25 2.34 -23.52
CA LEU A 37 1.88 1.93 -23.26
C LEU A 37 1.37 2.67 -22.03
N LEU A 38 0.30 3.45 -22.22
CA LEU A 38 -0.39 4.17 -21.15
C LEU A 38 -1.43 3.24 -20.52
N HIS A 39 -1.20 2.83 -19.27
CA HIS A 39 -2.09 1.89 -18.59
C HIS A 39 -2.88 2.67 -17.54
N TYR A 40 -4.20 2.39 -17.46
CA TYR A 40 -5.11 3.03 -16.53
C TYR A 40 -6.29 2.11 -16.21
N GLU A 41 -7.14 2.55 -15.26
CA GLU A 41 -8.28 1.76 -14.84
C GLU A 41 -9.51 2.22 -15.60
N ALA A 42 -10.36 1.24 -15.96
CA ALA A 42 -11.51 1.47 -16.82
C ALA A 42 -11.09 2.22 -18.08
N ASP A 43 -11.76 3.33 -18.41
CA ASP A 43 -11.50 4.05 -19.65
C ASP A 43 -10.94 5.44 -19.34
N GLY A 44 -10.00 5.48 -18.39
CA GLY A 44 -9.38 6.72 -17.96
C GLY A 44 -10.44 7.69 -17.45
N GLU A 45 -11.52 7.09 -16.93
CA GLU A 45 -12.74 7.79 -16.57
C GLU A 45 -12.33 8.86 -15.56
N LEU A 46 -11.72 8.43 -14.46
CA LEU A 46 -11.51 9.32 -13.33
C LEU A 46 -10.13 10.00 -13.45
N ILE A 47 -9.15 9.28 -13.99
CA ILE A 47 -7.86 9.88 -14.28
C ILE A 47 -8.03 11.13 -15.15
N LYS A 48 -8.96 11.08 -16.12
CA LYS A 48 -9.17 12.18 -17.07
C LYS A 48 -10.01 13.26 -16.41
N LYS A 49 -11.01 12.84 -15.61
CA LYS A 49 -11.83 13.78 -14.87
C LYS A 49 -10.95 14.73 -14.04
N LEU A 50 -9.85 14.20 -13.46
CA LEU A 50 -8.97 14.98 -12.60
C LEU A 50 -8.10 15.93 -13.40
N GLY A 51 -7.74 15.55 -14.64
CA GLY A 51 -6.82 16.33 -15.45
C GLY A 51 -5.40 15.75 -15.51
N ILE A 52 -5.27 14.46 -15.19
CA ILE A 52 -3.96 13.81 -15.23
C ILE A 52 -3.71 13.38 -16.68
N TYR A 53 -4.74 12.77 -17.27
CA TYR A 53 -4.72 12.31 -18.64
C TYR A 53 -4.19 13.42 -19.56
N GLU A 54 -4.75 14.62 -19.41
CA GLU A 54 -4.31 15.72 -20.24
C GLU A 54 -2.84 16.00 -19.97
N LYS A 55 -2.48 16.19 -18.70
CA LYS A 55 -1.14 16.70 -18.39
C LYS A 55 -0.11 15.63 -18.74
N VAL A 56 -0.53 14.35 -18.80
CA VAL A 56 0.30 13.25 -19.28
C VAL A 56 0.58 13.38 -20.77
N ILE A 57 -0.49 13.46 -21.57
CA ILE A 57 -0.37 13.45 -23.02
C ILE A 57 0.36 14.71 -23.48
N SER A 58 0.27 15.78 -22.69
CA SER A 58 0.94 17.01 -23.03
C SER A 58 2.44 16.90 -22.79
N SER A 59 2.83 16.01 -21.87
CA SER A 59 4.23 15.72 -21.62
C SER A 59 4.77 14.76 -22.67
N LEU A 60 3.92 13.80 -23.07
CA LEU A 60 4.28 12.82 -24.07
C LEU A 60 4.52 13.55 -25.39
N LYS A 61 3.57 14.42 -25.78
CA LYS A 61 3.71 15.21 -26.99
C LYS A 61 4.97 16.08 -26.87
N GLU A 62 5.12 16.80 -25.75
CA GLU A 62 6.26 17.69 -25.63
C GLU A 62 7.56 16.95 -25.97
N PHE A 63 7.63 15.61 -25.82
CA PHE A 63 8.88 14.89 -25.98
C PHE A 63 8.86 13.92 -27.18
N ASP A 64 7.82 14.04 -28.01
CA ASP A 64 7.71 13.26 -29.24
C ASP A 64 7.72 11.78 -28.87
N ILE A 65 6.84 11.39 -27.96
CA ILE A 65 6.85 10.01 -27.53
C ILE A 65 5.59 9.38 -28.11
N GLU A 66 5.76 8.36 -28.95
CA GLU A 66 4.60 7.65 -29.47
C GLU A 66 4.05 6.75 -28.36
N PHE A 67 2.74 6.47 -28.40
CA PHE A 67 2.07 5.78 -27.31
C PHE A 67 0.74 5.16 -27.77
N ILE A 68 0.46 3.97 -27.23
CA ILE A 68 -0.84 3.33 -27.37
C ILE A 68 -1.46 3.33 -25.98
N GLU A 69 -2.79 3.32 -25.90
CA GLU A 69 -3.47 3.23 -24.61
C GLU A 69 -4.06 1.82 -24.44
N LEU A 70 -4.05 1.34 -23.18
CA LEU A 70 -4.70 0.10 -22.79
C LEU A 70 -5.35 0.32 -21.43
N GLY A 71 -6.65 0.02 -21.36
CA GLY A 71 -7.49 0.40 -20.23
C GLY A 71 -8.18 -0.81 -19.61
N GLY A 72 -9.04 -0.55 -18.63
CA GLY A 72 -9.95 -1.54 -18.06
C GLY A 72 -9.25 -2.53 -17.13
N VAL A 73 -8.61 -2.04 -16.05
CA VAL A 73 -7.78 -2.92 -15.24
C VAL A 73 -8.56 -3.45 -14.03
N VAL A 74 -9.48 -2.65 -13.46
CA VAL A 74 -10.35 -3.10 -12.38
C VAL A 74 -9.53 -3.34 -11.10
N PRO A 75 -10.13 -3.18 -9.89
CA PRO A 75 -9.39 -3.24 -8.62
C PRO A 75 -8.57 -4.51 -8.34
N ASN A 76 -9.07 -5.67 -8.79
CA ASN A 76 -8.34 -6.92 -8.64
C ASN A 76 -7.77 -7.33 -10.00
N PRO A 77 -6.64 -6.72 -10.46
CA PRO A 77 -6.18 -6.85 -11.85
C PRO A 77 -6.06 -8.30 -12.32
N ARG A 78 -6.61 -8.59 -13.51
CA ARG A 78 -6.80 -9.96 -13.97
C ARG A 78 -5.84 -10.28 -15.12
N LEU A 79 -5.38 -11.54 -15.17
CA LEU A 79 -4.46 -12.00 -16.21
C LEU A 79 -5.11 -11.84 -17.58
N SER A 80 -6.45 -11.94 -17.65
CA SER A 80 -7.18 -11.64 -18.88
C SER A 80 -6.51 -10.46 -19.58
N LEU A 81 -6.25 -9.37 -18.83
CA LEU A 81 -5.83 -8.11 -19.42
C LEU A 81 -4.32 -8.07 -19.56
N VAL A 82 -3.60 -8.69 -18.62
CA VAL A 82 -2.14 -8.69 -18.66
C VAL A 82 -1.67 -9.46 -19.91
N TYR A 83 -2.32 -10.59 -20.21
CA TYR A 83 -2.03 -11.36 -21.42
C TYR A 83 -2.25 -10.48 -22.66
N GLU A 84 -3.35 -9.69 -22.65
CA GLU A 84 -3.64 -8.76 -23.73
C GLU A 84 -2.52 -7.73 -23.86
N GLY A 85 -2.01 -7.27 -22.71
CA GLY A 85 -0.97 -6.25 -22.66
C GLY A 85 0.38 -6.77 -23.16
N ILE A 86 0.72 -8.02 -22.83
CA ILE A 86 1.94 -8.65 -23.33
C ILE A 86 1.90 -8.63 -24.84
N LYS A 87 0.80 -9.15 -25.41
CA LYS A 87 0.55 -9.16 -26.85
C LYS A 87 0.94 -7.80 -27.44
N ILE A 88 0.37 -6.71 -26.89
CA ILE A 88 0.52 -5.39 -27.50
C ILE A 88 1.98 -4.90 -27.42
N CYS A 89 2.72 -5.26 -26.35
CA CYS A 89 4.08 -4.76 -26.12
C CYS A 89 5.13 -5.49 -26.96
N LYS A 90 4.72 -6.65 -27.49
CA LYS A 90 5.55 -7.42 -28.41
C LYS A 90 5.21 -7.04 -29.84
N GLU A 91 3.91 -6.88 -30.15
CA GLU A 91 3.44 -6.52 -31.49
C GLU A 91 3.81 -5.09 -31.86
N GLU A 92 3.47 -4.15 -30.99
CA GLU A 92 3.63 -2.75 -31.28
C GLU A 92 5.01 -2.31 -30.81
N ASN A 93 5.82 -3.27 -30.34
CA ASN A 93 7.21 -3.02 -29.94
C ASN A 93 7.28 -1.91 -28.90
N ILE A 94 6.47 -2.01 -27.85
CA ILE A 94 6.46 -1.03 -26.78
C ILE A 94 7.80 -1.18 -26.02
N THR A 95 8.46 -0.05 -25.73
CA THR A 95 9.72 -0.05 -25.01
C THR A 95 9.63 0.36 -23.53
N PHE A 96 8.42 0.72 -23.05
CA PHE A 96 8.22 1.24 -21.71
C PHE A 96 6.72 1.38 -21.44
N ILE A 97 6.32 1.19 -20.17
CA ILE A 97 4.91 1.26 -19.78
C ILE A 97 4.74 2.38 -18.77
N LEU A 98 3.67 3.18 -18.92
CA LEU A 98 3.37 4.21 -17.96
C LEU A 98 2.09 3.84 -17.23
N ALA A 99 2.23 3.55 -15.92
CA ALA A 99 1.13 3.26 -15.03
C ALA A 99 0.62 4.57 -14.44
N VAL A 100 -0.58 4.96 -14.88
CA VAL A 100 -1.24 6.17 -14.40
C VAL A 100 -2.48 5.76 -13.60
N GLY A 101 -2.26 5.51 -12.31
CA GLY A 101 -3.35 5.12 -11.42
C GLY A 101 -2.86 4.84 -10.00
N GLY A 102 -3.42 3.78 -9.40
CA GLY A 102 -2.96 3.20 -8.16
C GLY A 102 -2.60 1.73 -8.34
N ALA A 103 -2.43 1.02 -7.24
CA ALA A 103 -1.73 -0.26 -7.22
C ALA A 103 -2.38 -1.27 -8.16
N SER A 104 -3.70 -1.22 -8.29
CA SER A 104 -4.39 -2.06 -9.24
C SER A 104 -3.82 -1.95 -10.66
N VAL A 105 -3.40 -0.76 -11.11
CA VAL A 105 -2.90 -0.59 -12.46
C VAL A 105 -1.39 -0.79 -12.48
N ILE A 106 -0.72 -0.42 -11.37
CA ILE A 106 0.71 -0.59 -11.22
C ILE A 106 1.06 -2.07 -11.25
N ASP A 107 0.24 -2.89 -10.57
CA ASP A 107 0.49 -4.31 -10.54
C ASP A 107 0.28 -4.90 -11.93
N SER A 108 -0.76 -4.43 -12.64
CA SER A 108 -1.00 -4.89 -14.01
C SER A 108 0.21 -4.54 -14.89
N ALA A 109 0.66 -3.27 -14.78
CA ALA A 109 1.78 -2.71 -15.52
C ALA A 109 3.06 -3.52 -15.32
N LYS A 110 3.33 -3.92 -14.05
CA LYS A 110 4.51 -4.68 -13.70
C LYS A 110 4.46 -6.08 -14.33
N ALA A 111 3.26 -6.69 -14.35
CA ALA A 111 3.06 -8.02 -14.92
C ALA A 111 3.18 -7.98 -16.44
N ILE A 112 2.70 -6.88 -17.06
CA ILE A 112 2.91 -6.69 -18.48
C ILE A 112 4.42 -6.50 -18.76
N SER A 113 5.09 -5.66 -17.96
CA SER A 113 6.51 -5.39 -18.16
C SER A 113 7.32 -6.69 -18.14
N LEU A 114 6.98 -7.58 -17.21
CA LEU A 114 7.61 -8.89 -17.14
C LEU A 114 7.36 -9.70 -18.41
N GLY A 115 6.09 -9.87 -18.78
CA GLY A 115 5.75 -10.77 -19.88
C GLY A 115 6.30 -10.31 -21.23
N ALA A 116 6.38 -8.98 -21.43
CA ALA A 116 6.82 -8.39 -22.69
C ALA A 116 8.26 -8.75 -23.06
N VAL A 117 9.05 -9.25 -22.11
CA VAL A 117 10.46 -9.55 -22.32
C VAL A 117 10.73 -11.04 -22.16
N ASP A 118 9.69 -11.83 -21.88
CA ASP A 118 9.84 -13.25 -21.61
C ASP A 118 9.39 -14.06 -22.85
N ASN A 119 9.91 -15.30 -22.96
CA ASN A 119 9.59 -16.18 -24.08
C ASN A 119 8.72 -17.34 -23.58
N GLY A 120 7.85 -17.07 -22.61
CA GLY A 120 7.06 -18.10 -21.95
C GLY A 120 5.71 -17.54 -21.50
N ASP A 121 5.11 -18.17 -20.46
CA ASP A 121 3.95 -17.63 -19.77
C ASP A 121 4.43 -16.82 -18.55
N VAL A 122 3.84 -15.63 -18.39
CA VAL A 122 4.15 -14.71 -17.30
C VAL A 122 3.73 -15.37 -15.99
N TRP A 123 2.60 -16.11 -16.02
CA TRP A 123 1.98 -16.71 -14.86
C TRP A 123 2.88 -17.78 -14.23
N ASP A 124 3.95 -18.19 -14.93
CA ASP A 124 5.03 -19.00 -14.39
C ASP A 124 5.86 -18.21 -13.37
N PHE A 125 5.70 -16.88 -13.39
CA PHE A 125 6.43 -16.01 -12.49
C PHE A 125 5.62 -15.73 -11.23
N PHE A 126 4.34 -16.09 -11.25
CA PHE A 126 3.43 -15.81 -10.16
C PHE A 126 3.19 -17.10 -9.37
N THR A 127 3.26 -18.24 -10.06
CA THR A 127 2.96 -19.55 -9.48
C THR A 127 4.26 -20.29 -9.14
N ALA A 128 5.34 -19.57 -8.85
CA ALA A 128 6.58 -20.22 -8.45
C ALA A 128 6.95 -21.36 -9.40
N LYS A 129 7.18 -21.05 -10.67
CA LYS A 129 7.74 -22.01 -11.62
C LYS A 129 9.08 -21.46 -12.11
N ARG A 130 9.12 -20.19 -12.55
CA ARG A 130 10.36 -19.55 -12.98
C ARG A 130 10.54 -18.24 -12.22
N ILE A 131 11.80 -17.79 -12.09
CA ILE A 131 12.14 -16.54 -11.44
C ILE A 131 12.57 -15.53 -12.51
N PRO A 132 11.74 -14.49 -12.82
CA PRO A 132 12.03 -13.62 -13.95
C PRO A 132 13.36 -12.92 -13.74
N GLN A 133 14.10 -12.69 -14.83
CA GLN A 133 15.42 -12.09 -14.67
C GLN A 133 15.49 -10.77 -15.44
N ASP A 134 14.37 -10.33 -16.01
CA ASP A 134 14.33 -9.06 -16.73
C ASP A 134 12.90 -8.56 -16.73
N THR A 135 12.76 -7.25 -16.98
CA THR A 135 11.47 -6.62 -17.25
C THR A 135 11.71 -5.46 -18.21
N LEU A 136 10.68 -5.12 -18.98
CA LEU A 136 10.76 -4.03 -19.92
C LEU A 136 11.13 -2.75 -19.16
N GLY A 137 10.27 -2.34 -18.23
CA GLY A 137 10.47 -1.12 -17.48
C GLY A 137 9.22 -0.24 -17.49
N ILE A 138 8.77 0.14 -16.28
CA ILE A 138 7.59 0.97 -16.10
C ILE A 138 7.95 2.24 -15.35
N GLY A 139 7.16 3.29 -15.60
CA GLY A 139 7.07 4.46 -14.75
C GLY A 139 5.65 4.58 -14.19
N VAL A 140 5.52 5.14 -12.98
CA VAL A 140 4.22 5.28 -12.36
C VAL A 140 3.96 6.77 -12.16
N VAL A 141 2.69 7.15 -12.37
CA VAL A 141 2.18 8.37 -11.77
C VAL A 141 1.08 7.91 -10.82
N LEU A 142 1.34 8.13 -9.53
CA LEU A 142 0.50 7.61 -8.47
C LEU A 142 -0.64 8.59 -8.26
N THR A 143 -1.87 8.06 -8.24
CA THR A 143 -3.05 8.87 -8.02
C THR A 143 -3.53 8.82 -6.58
N ILE A 144 -3.04 7.89 -5.75
CA ILE A 144 -3.42 7.83 -4.35
C ILE A 144 -2.38 7.09 -3.51
N PRO A 145 -1.77 7.72 -2.44
CA PRO A 145 -0.66 7.13 -1.70
C PRO A 145 -1.04 5.91 -0.86
N GLY A 146 -1.49 4.85 -1.55
CA GLY A 146 -1.95 3.62 -0.93
C GLY A 146 -0.78 2.80 -0.41
N ALA A 147 -0.63 1.56 -0.92
CA ALA A 147 0.21 0.56 -0.29
C ALA A 147 1.64 0.52 -0.84
N GLY A 148 2.03 1.46 -1.71
CA GLY A 148 3.44 1.68 -2.04
C GLY A 148 3.94 0.84 -3.22
N SER A 149 3.02 0.23 -4.00
CA SER A 149 3.37 -0.65 -5.11
C SER A 149 4.24 0.10 -6.12
N GLU A 150 4.18 1.43 -6.07
CA GLU A 150 4.98 2.31 -6.92
C GLU A 150 6.43 2.32 -6.46
N MET A 151 6.73 1.50 -5.47
CA MET A 151 8.07 1.45 -4.95
C MET A 151 8.39 0.04 -4.43
N SER A 152 7.52 -0.94 -4.71
CA SER A 152 7.62 -2.30 -4.18
C SER A 152 8.26 -3.20 -5.22
N GLU A 153 8.37 -4.51 -4.92
CA GLU A 153 8.92 -5.47 -5.86
C GLU A 153 7.86 -6.51 -6.19
N SER A 154 6.59 -6.14 -5.89
CA SER A 154 5.48 -7.07 -5.85
C SER A 154 4.39 -6.70 -6.86
N SER A 155 3.73 -7.73 -7.38
CA SER A 155 2.59 -7.57 -8.26
C SER A 155 1.57 -8.67 -7.93
N ILE A 156 0.33 -8.25 -7.74
CA ILE A 156 -0.73 -9.11 -7.25
C ILE A 156 -1.77 -9.18 -8.34
N ILE A 157 -1.98 -10.39 -8.88
CA ILE A 157 -2.82 -10.59 -10.04
C ILE A 157 -3.74 -11.76 -9.71
N THR A 158 -4.99 -11.76 -10.19
CA THR A 158 -5.85 -12.91 -9.98
C THR A 158 -6.17 -13.58 -11.32
N ASP A 159 -5.94 -14.90 -11.40
CA ASP A 159 -6.36 -15.72 -12.54
C ASP A 159 -7.82 -16.09 -12.31
N GLU A 160 -8.74 -15.44 -13.03
CA GLU A 160 -10.16 -15.58 -12.78
C GLU A 160 -10.70 -16.85 -13.48
N ASN A 161 -9.91 -17.44 -14.38
CA ASN A 161 -10.25 -18.71 -15.01
C ASN A 161 -10.15 -19.84 -14.00
N LYS A 162 -9.24 -19.71 -13.02
CA LYS A 162 -9.02 -20.73 -12.00
C LYS A 162 -9.46 -20.26 -10.61
N LYS A 163 -9.83 -18.97 -10.47
CA LYS A 163 -10.12 -18.32 -9.21
C LYS A 163 -8.95 -18.51 -8.23
N GLN A 164 -7.73 -18.28 -8.73
CA GLN A 164 -6.50 -18.48 -7.97
C GLN A 164 -5.64 -17.22 -8.11
N LYS A 165 -5.58 -16.39 -7.07
CA LYS A 165 -4.80 -15.17 -7.15
C LYS A 165 -3.43 -15.44 -6.52
N ALA A 166 -2.41 -14.69 -6.99
CA ALA A 166 -1.02 -14.90 -6.60
C ALA A 166 -0.21 -13.61 -6.73
N VAL A 167 1.05 -13.70 -6.30
CA VAL A 167 1.94 -12.56 -6.28
C VAL A 167 3.33 -13.01 -6.76
N CYS A 168 4.12 -12.04 -7.25
CA CYS A 168 5.48 -12.26 -7.71
C CYS A 168 6.38 -11.15 -7.16
N ASP A 169 7.27 -11.50 -6.21
CA ASP A 169 8.25 -10.59 -5.63
C ASP A 169 9.60 -10.81 -6.27
N THR A 170 10.18 -9.75 -6.84
CA THR A 170 11.46 -9.83 -7.53
C THR A 170 11.95 -8.42 -7.80
N GLU A 171 13.28 -8.28 -7.80
CA GLU A 171 13.95 -6.99 -7.77
C GLU A 171 13.68 -6.25 -9.09
N VAL A 172 13.21 -6.98 -10.10
CA VAL A 172 13.05 -6.43 -11.44
C VAL A 172 11.75 -5.65 -11.50
N ASN A 173 10.80 -5.98 -10.59
CA ASN A 173 9.48 -5.37 -10.55
C ASN A 173 9.55 -3.90 -10.13
N PHE A 174 10.60 -3.52 -9.40
CA PHE A 174 10.83 -2.14 -9.01
C PHE A 174 10.63 -1.18 -10.20
N PRO A 175 9.58 -0.33 -10.17
CA PRO A 175 9.43 0.75 -11.13
C PRO A 175 10.71 1.50 -11.37
N LYS A 176 10.92 1.99 -12.59
CA LYS A 176 12.14 2.71 -12.90
C LYS A 176 12.07 4.10 -12.26
N PHE A 177 10.86 4.66 -12.20
CA PHE A 177 10.62 5.94 -11.59
C PHE A 177 9.17 6.01 -11.12
N ALA A 178 8.89 6.94 -10.21
CA ALA A 178 7.54 7.15 -9.71
C ALA A 178 7.31 8.63 -9.43
N ILE A 179 6.40 9.24 -10.17
CA ILE A 179 6.00 10.62 -9.96
C ILE A 179 5.03 10.64 -8.77
N LEU A 180 5.35 11.51 -7.80
CA LEU A 180 4.55 11.65 -6.58
C LEU A 180 4.26 13.13 -6.36
N ASN A 181 3.04 13.53 -6.79
CA ASN A 181 2.52 14.86 -6.56
C ASN A 181 1.45 14.77 -5.49
N PRO A 182 1.66 15.43 -4.34
CA PRO A 182 0.67 15.46 -3.26
C PRO A 182 -0.71 15.95 -3.69
N GLU A 183 -0.76 16.75 -4.76
CA GLU A 183 -2.00 17.36 -5.24
C GLU A 183 -3.04 16.31 -5.58
N VAL A 184 -2.63 15.07 -5.86
CA VAL A 184 -3.60 14.04 -6.21
C VAL A 184 -4.44 13.65 -5.00
N CYS A 185 -3.99 14.06 -3.80
CA CYS A 185 -4.69 13.79 -2.56
C CYS A 185 -6.02 14.56 -2.50
N TYR A 186 -6.06 15.76 -3.10
CA TYR A 186 -7.14 16.74 -2.94
C TYR A 186 -8.52 16.16 -3.23
N THR A 187 -8.61 15.43 -4.34
CA THR A 187 -9.89 15.01 -4.86
C THR A 187 -10.36 13.72 -4.19
N ILE A 188 -9.50 13.10 -3.33
CA ILE A 188 -9.80 11.81 -2.73
C ILE A 188 -10.95 12.00 -1.73
N PRO A 189 -12.02 11.18 -1.76
CA PRO A 189 -13.09 11.30 -0.77
C PRO A 189 -12.61 11.06 0.66
N ASP A 190 -13.32 11.68 1.60
CA ASP A 190 -12.95 11.74 3.01
C ASP A 190 -12.68 10.35 3.60
N ARG A 191 -13.69 9.47 3.59
CA ARG A 191 -13.57 8.14 4.16
C ARG A 191 -12.33 7.45 3.57
N LEU A 192 -12.03 7.66 2.28
CA LEU A 192 -10.86 7.01 1.71
C LEU A 192 -9.57 7.66 2.15
N MET A 193 -9.56 8.97 2.39
CA MET A 193 -8.35 9.68 2.81
C MET A 193 -8.00 9.28 4.24
N ALA A 194 -9.02 9.29 5.08
CA ALA A 194 -8.94 8.85 6.45
C ALA A 194 -8.39 7.43 6.55
N ALA A 195 -8.84 6.55 5.64
CA ALA A 195 -8.49 5.14 5.70
C ALA A 195 -7.06 4.93 5.22
N GLY A 196 -6.64 5.77 4.28
CA GLY A 196 -5.26 5.78 3.82
C GLY A 196 -4.32 6.32 4.89
N ILE A 197 -4.79 7.28 5.69
CA ILE A 197 -4.01 7.77 6.81
C ILE A 197 -3.82 6.68 7.86
N VAL A 198 -4.85 5.81 8.06
CA VAL A 198 -4.78 4.74 9.04
C VAL A 198 -3.83 3.66 8.54
N ASP A 199 -3.89 3.37 7.25
CA ASP A 199 -3.02 2.38 6.65
C ASP A 199 -1.55 2.78 6.85
N ILE A 200 -1.19 4.08 6.77
CA ILE A 200 0.19 4.53 6.94
C ILE A 200 0.67 4.23 8.37
N LEU A 201 -0.16 4.62 9.35
CA LEU A 201 0.20 4.44 10.74
C LEU A 201 0.32 2.97 11.06
N SER A 202 -0.67 2.17 10.61
CA SER A 202 -0.76 0.76 10.87
C SER A 202 0.43 0.02 10.23
N HIS A 203 0.87 0.42 9.04
CA HIS A 203 2.08 -0.15 8.43
C HIS A 203 3.30 0.14 9.32
N LEU A 204 3.37 1.32 9.92
CA LEU A 204 4.48 1.65 10.81
C LEU A 204 4.39 0.86 12.11
N MET A 205 3.18 0.78 12.71
CA MET A 205 2.89 0.09 13.98
C MET A 205 3.14 -1.43 13.87
N GLU A 206 2.71 -2.06 12.76
CA GLU A 206 2.88 -3.50 12.53
C GLU A 206 4.38 -3.83 12.65
N ARG A 207 5.27 -2.91 12.22
CA ARG A 207 6.72 -3.10 12.24
C ARG A 207 7.28 -2.62 13.58
N TYR A 208 6.65 -1.61 14.19
CA TYR A 208 7.18 -1.05 15.42
C TYR A 208 7.09 -2.07 16.55
N PHE A 209 5.87 -2.56 16.82
CA PHE A 209 5.62 -3.50 17.91
C PHE A 209 6.21 -4.88 17.60
N THR A 210 7.41 -5.09 18.20
CA THR A 210 8.33 -6.15 17.87
C THR A 210 8.98 -6.67 19.14
N LYS A 211 9.40 -7.94 19.11
CA LYS A 211 10.18 -8.51 20.19
C LYS A 211 11.67 -8.29 19.92
N SER A 212 12.03 -7.92 18.67
CA SER A 212 13.41 -7.64 18.31
C SER A 212 14.03 -6.62 19.26
N ILE A 213 15.36 -6.71 19.49
CA ILE A 213 16.06 -5.83 20.42
C ILE A 213 17.14 -5.05 19.65
N ASP A 214 17.63 -3.96 20.27
CA ASP A 214 18.76 -3.17 19.79
C ASP A 214 18.37 -2.34 18.56
N THR A 215 17.18 -1.72 18.58
CA THR A 215 16.61 -1.10 17.39
C THR A 215 16.34 0.41 17.60
N ALA A 216 17.19 1.07 18.40
CA ALA A 216 16.98 2.42 18.91
C ALA A 216 16.73 3.43 17.80
N LEU A 217 17.70 3.58 16.89
CA LEU A 217 17.56 4.51 15.79
C LEU A 217 16.32 4.19 14.95
N SER A 218 16.18 2.91 14.60
CA SER A 218 15.00 2.46 13.89
C SER A 218 13.73 2.88 14.63
N ASP A 219 13.72 2.66 15.96
CA ASP A 219 12.58 3.06 16.75
C ASP A 219 12.28 4.54 16.50
N SER A 220 13.30 5.39 16.67
CA SER A 220 13.19 6.84 16.53
C SER A 220 12.56 7.24 15.20
N LEU A 221 13.04 6.63 14.12
CA LEU A 221 12.59 7.01 12.79
C LEU A 221 11.13 6.65 12.66
N ILE A 222 10.72 5.44 13.09
CA ILE A 222 9.34 4.97 12.96
C ILE A 222 8.42 5.79 13.83
N GLU A 223 8.95 6.19 15.00
CA GLU A 223 8.23 7.08 15.90
C GLU A 223 8.01 8.42 15.23
N ALA A 224 9.03 8.90 14.52
CA ALA A 224 8.99 10.21 13.93
C ALA A 224 7.90 10.32 12.86
N THR A 225 7.88 9.32 11.96
CA THR A 225 6.90 9.20 10.90
C THR A 225 5.48 9.07 11.49
N MET A 226 5.34 8.24 12.52
CA MET A 226 4.05 8.00 13.13
C MET A 226 3.48 9.32 13.67
N LYS A 227 4.29 10.03 14.46
CA LYS A 227 3.91 11.29 15.08
C LYS A 227 3.37 12.28 14.05
N ILE A 228 4.03 12.30 12.89
CA ILE A 228 3.67 13.19 11.81
C ILE A 228 2.31 12.74 11.28
N VAL A 229 2.13 11.43 11.14
CA VAL A 229 0.82 10.96 10.74
C VAL A 229 -0.17 11.43 11.79
N ILE A 230 0.18 11.36 13.08
CA ILE A 230 -0.80 11.66 14.12
C ILE A 230 -1.11 13.16 14.12
N LYS A 231 -0.10 13.98 13.76
CA LYS A 231 -0.23 15.42 13.85
C LYS A 231 -0.91 15.98 12.59
N TYR A 232 -0.47 15.59 11.40
CA TYR A 232 -0.96 16.19 10.17
C TYR A 232 -2.27 15.58 9.66
N GLY A 233 -2.44 14.25 9.81
CA GLY A 233 -3.57 13.53 9.25
C GLY A 233 -4.90 14.15 9.65
N PRO A 234 -5.09 14.55 10.91
CA PRO A 234 -6.27 15.33 11.32
C PRO A 234 -6.40 16.71 10.67
N LEU A 235 -5.25 17.37 10.44
CA LEU A 235 -5.27 18.67 9.79
C LEU A 235 -5.65 18.50 8.31
N LEU A 236 -5.07 17.49 7.66
CA LEU A 236 -5.40 17.21 6.26
C LEU A 236 -6.90 16.94 6.13
N MET A 237 -7.50 16.27 7.11
CA MET A 237 -8.89 15.90 6.99
C MET A 237 -9.76 17.14 6.98
N LYS A 238 -9.31 18.21 7.66
CA LYS A 238 -10.09 19.43 7.79
C LYS A 238 -9.68 20.53 6.80
N ASP A 239 -8.58 20.33 6.06
CA ASP A 239 -8.09 21.28 5.08
C ASP A 239 -7.54 20.48 3.89
N ARG A 240 -8.48 19.91 3.11
CA ARG A 240 -8.20 18.85 2.14
C ARG A 240 -7.24 19.32 1.05
N LYS A 241 -7.22 20.63 0.76
CA LYS A 241 -6.48 21.12 -0.38
C LYS A 241 -5.19 21.77 0.11
N ASN A 242 -4.71 21.42 1.31
CA ASN A 242 -3.52 22.06 1.84
C ASN A 242 -2.28 21.28 1.40
N TYR A 243 -1.46 21.87 0.53
CA TYR A 243 -0.36 21.16 -0.11
C TYR A 243 0.64 20.63 0.92
N ASN A 244 0.96 21.45 1.93
CA ASN A 244 1.85 21.09 3.02
C ASN A 244 1.34 19.83 3.71
N TYR A 245 0.10 19.88 4.20
CA TYR A 245 -0.48 18.77 4.94
C TYR A 245 -0.43 17.49 4.10
N CYS A 246 -0.78 17.60 2.81
CA CYS A 246 -0.76 16.46 1.92
C CYS A 246 0.68 16.01 1.64
N SER A 247 1.64 16.94 1.61
CA SER A 247 3.03 16.59 1.38
C SER A 247 3.58 15.77 2.56
N GLN A 248 3.35 16.24 3.77
CA GLN A 248 3.84 15.48 4.90
C GLN A 248 3.26 14.05 4.83
N ILE A 249 1.94 13.95 4.65
CA ILE A 249 1.24 12.68 4.68
C ILE A 249 1.70 11.76 3.54
N MET A 250 1.78 12.29 2.34
CA MET A 250 2.30 11.48 1.25
C MET A 250 3.72 11.01 1.52
N TRP A 251 4.58 11.90 2.03
CA TRP A 251 5.98 11.57 2.24
C TRP A 251 6.06 10.55 3.37
N ALA A 252 5.08 10.56 4.29
CA ALA A 252 5.00 9.59 5.37
C ALA A 252 4.72 8.17 4.84
N ALA A 253 3.76 8.07 3.91
CA ALA A 253 3.38 6.79 3.34
C ALA A 253 4.58 6.19 2.61
N THR A 254 5.19 7.02 1.76
CA THR A 254 6.42 6.62 1.09
C THR A 254 7.45 6.07 2.10
N MET A 255 7.81 6.90 3.10
CA MET A 255 8.78 6.52 4.12
C MET A 255 8.31 5.26 4.86
N ALA A 256 7.01 5.15 5.16
CA ALA A 256 6.51 3.93 5.79
C ALA A 256 6.84 2.70 4.94
N HIS A 257 6.86 2.81 3.61
CA HIS A 257 7.24 1.69 2.76
C HIS A 257 8.76 1.57 2.58
N ASN A 258 9.51 2.19 3.47
CA ASN A 258 10.96 2.15 3.39
C ASN A 258 11.46 1.20 4.50
N GLY A 259 12.47 0.41 4.14
CA GLY A 259 13.09 -0.52 5.07
C GLY A 259 14.45 0.02 5.49
N MET A 260 14.62 1.32 5.28
CA MET A 260 15.72 1.98 5.95
C MET A 260 15.30 2.39 7.36
N ILE A 261 14.00 2.60 7.57
CA ILE A 261 13.58 2.98 8.90
C ILE A 261 13.25 1.71 9.67
N ALA A 262 12.61 0.72 9.05
CA ALA A 262 12.51 -0.60 9.68
C ALA A 262 13.69 -1.42 9.20
N CYS A 263 14.62 -1.80 10.08
CA CYS A 263 15.88 -2.40 9.66
C CYS A 263 15.93 -3.89 10.01
N GLY A 264 15.15 -4.73 9.32
CA GLY A 264 15.13 -6.17 9.59
C GLY A 264 14.53 -6.54 10.95
N ARG A 265 14.05 -5.55 11.71
CA ARG A 265 13.16 -5.78 12.83
C ARG A 265 11.93 -6.57 12.35
N VAL A 266 11.30 -7.34 13.26
CA VAL A 266 10.35 -8.38 12.86
C VAL A 266 8.91 -7.82 12.89
N ALA A 267 8.22 -7.79 11.74
CA ALA A 267 6.84 -7.28 11.67
C ALA A 267 5.82 -8.27 12.23
N ASP A 268 4.65 -7.77 12.64
CA ASP A 268 3.57 -8.63 13.09
C ASP A 268 2.34 -8.29 12.25
N TRP A 269 1.67 -9.35 11.74
CA TRP A 269 0.57 -9.20 10.78
C TRP A 269 -0.78 -9.60 11.40
N ALA A 270 -0.79 -9.85 12.71
CA ALA A 270 -2.01 -10.29 13.38
C ALA A 270 -3.18 -9.39 13.01
N SER A 271 -3.04 -8.09 13.23
CA SER A 271 -4.13 -7.16 13.00
C SER A 271 -4.61 -7.24 11.57
N HIS A 272 -3.65 -7.28 10.64
CA HIS A 272 -3.93 -7.35 9.23
C HIS A 272 -4.85 -8.52 8.94
N ARG A 273 -4.47 -9.69 9.48
CA ARG A 273 -5.11 -10.95 9.16
C ARG A 273 -6.54 -10.93 9.73
N ILE A 274 -6.67 -10.46 10.97
CA ILE A 274 -7.95 -10.42 11.62
C ILE A 274 -8.82 -9.51 10.79
N GLU A 275 -8.27 -8.36 10.41
CA GLU A 275 -9.05 -7.40 9.63
C GLU A 275 -9.43 -7.98 8.29
N HIS A 276 -8.50 -8.74 7.69
CA HIS A 276 -8.75 -9.33 6.39
C HIS A 276 -10.09 -10.04 6.43
N GLU A 277 -10.35 -10.81 7.51
CA GLU A 277 -11.48 -11.72 7.54
C GLU A 277 -12.77 -10.98 7.84
N ILE A 278 -12.69 -9.86 8.55
CA ILE A 278 -13.82 -8.96 8.71
C ILE A 278 -14.21 -8.41 7.34
N SER A 279 -13.19 -7.94 6.61
CA SER A 279 -13.37 -7.36 5.30
C SER A 279 -13.82 -8.42 4.29
N GLY A 280 -13.55 -9.69 4.57
CA GLY A 280 -13.87 -10.75 3.64
C GLY A 280 -15.37 -11.06 3.65
N ILE A 281 -16.03 -10.69 4.74
CA ILE A 281 -17.42 -11.04 4.98
C ILE A 281 -18.29 -9.79 4.94
N TYR A 282 -17.79 -8.63 5.39
CA TYR A 282 -18.60 -7.41 5.39
C TYR A 282 -18.00 -6.40 4.41
N ASP A 283 -18.76 -5.39 3.99
CA ASP A 283 -18.21 -4.39 3.09
C ASP A 283 -17.53 -3.31 3.92
N LEU A 284 -16.22 -3.45 4.16
CA LEU A 284 -15.50 -2.58 5.09
C LEU A 284 -14.10 -2.26 4.56
N THR A 285 -13.80 -0.97 4.49
CA THR A 285 -12.56 -0.49 3.89
C THR A 285 -11.39 -0.81 4.82
N HIS A 286 -10.30 -1.35 4.25
CA HIS A 286 -9.21 -1.86 5.07
C HIS A 286 -8.89 -0.88 6.19
N GLY A 287 -8.46 0.34 5.82
CA GLY A 287 -8.06 1.36 6.78
C GLY A 287 -9.00 1.52 7.96
N ILE A 288 -10.32 1.35 7.74
CA ILE A 288 -11.29 1.56 8.81
C ILE A 288 -11.24 0.41 9.80
N GLY A 289 -11.16 -0.82 9.30
CA GLY A 289 -11.07 -1.97 10.19
C GLY A 289 -9.72 -2.07 10.91
N MET A 290 -8.68 -1.39 10.40
CA MET A 290 -7.39 -1.37 11.08
C MET A 290 -7.45 -0.38 12.25
N ALA A 291 -8.35 0.61 12.17
CA ALA A 291 -8.55 1.55 13.28
C ALA A 291 -9.44 0.92 14.36
N ILE A 292 -10.31 -0.02 14.01
CA ILE A 292 -11.10 -0.73 15.00
C ILE A 292 -10.28 -1.85 15.65
N ILE A 293 -9.42 -2.53 14.86
CA ILE A 293 -8.76 -3.73 15.34
C ILE A 293 -7.47 -3.37 16.06
N PHE A 294 -6.64 -2.47 15.50
CA PHE A 294 -5.33 -2.29 16.10
C PHE A 294 -5.44 -1.98 17.59
N PRO A 295 -6.35 -1.08 18.04
CA PRO A 295 -6.47 -0.77 19.46
C PRO A 295 -6.87 -1.99 20.29
N ALA A 296 -7.75 -2.81 19.72
CA ALA A 296 -8.23 -3.99 20.41
C ALA A 296 -7.04 -4.95 20.65
N TRP A 297 -6.19 -5.09 19.62
CA TRP A 297 -5.02 -5.94 19.67
C TRP A 297 -3.98 -5.40 20.63
N MET A 298 -3.80 -4.08 20.70
CA MET A 298 -2.77 -3.65 21.61
C MET A 298 -3.26 -3.80 23.04
N LYS A 299 -4.56 -3.65 23.28
CA LYS A 299 -5.10 -3.94 24.60
C LYS A 299 -4.79 -5.39 24.95
N TYR A 300 -5.09 -6.30 24.04
CA TYR A 300 -4.91 -7.72 24.29
C TYR A 300 -3.43 -8.15 24.41
N THR A 301 -2.50 -7.39 23.81
CA THR A 301 -1.08 -7.74 23.82
C THR A 301 -0.21 -6.82 24.67
N LYS A 302 -0.82 -6.02 25.53
CA LYS A 302 -0.10 -5.00 26.27
C LYS A 302 0.86 -5.61 27.28
N ASN A 303 0.72 -6.92 27.57
CA ASN A 303 1.50 -7.55 28.63
C ASN A 303 2.79 -8.17 28.13
N ILE A 304 2.96 -8.29 26.81
CA ILE A 304 4.10 -8.97 26.26
C ILE A 304 5.39 -8.18 26.57
N ARG A 305 5.60 -7.02 25.94
CA ARG A 305 6.70 -6.14 26.31
C ARG A 305 6.12 -4.76 26.63
N PRO A 306 5.58 -4.58 27.85
CA PRO A 306 5.03 -3.31 28.28
C PRO A 306 6.00 -2.16 28.02
N GLN A 307 7.31 -2.46 28.13
CA GLN A 307 8.33 -1.44 27.95
C GLN A 307 8.15 -0.86 26.55
N ILE A 308 7.96 -1.70 25.51
CA ILE A 308 7.88 -1.12 24.17
C ILE A 308 6.53 -0.45 23.92
N PHE A 309 5.52 -0.76 24.74
CA PHE A 309 4.27 -0.02 24.70
C PHE A 309 4.44 1.31 25.42
N GLU A 310 5.05 1.30 26.62
CA GLU A 310 5.42 2.51 27.33
C GLU A 310 6.14 3.42 26.34
N LYS A 311 7.18 2.90 25.67
CA LYS A 311 7.94 3.73 24.76
C LYS A 311 7.03 4.31 23.67
N PHE A 312 6.30 3.45 22.95
CA PHE A 312 5.44 3.91 21.88
C PHE A 312 4.65 5.15 22.33
N PHE A 313 3.86 5.02 23.39
CA PHE A 313 2.92 6.07 23.76
C PHE A 313 3.63 7.30 24.33
N LYS A 314 4.88 7.13 24.84
CA LYS A 314 5.65 8.27 25.36
C LYS A 314 6.12 9.15 24.20
N GLU A 315 6.62 8.48 23.16
CA GLU A 315 7.23 9.13 22.03
C GLU A 315 6.17 9.69 21.11
N VAL A 316 4.97 9.11 21.11
CA VAL A 316 4.03 9.47 20.06
C VAL A 316 2.85 10.27 20.61
N PHE A 317 2.49 10.03 21.87
CA PHE A 317 1.28 10.61 22.46
C PHE A 317 1.63 11.30 23.78
N ASN A 318 2.94 11.44 24.03
CA ASN A 318 3.47 12.12 25.19
C ASN A 318 2.89 11.58 26.50
N THR A 319 2.85 10.25 26.71
CA THR A 319 2.31 9.64 27.94
C THR A 319 2.91 8.25 28.18
N VAL A 320 3.15 7.90 29.46
CA VAL A 320 3.82 6.65 29.83
C VAL A 320 2.77 5.66 30.32
N ASN A 321 1.53 6.16 30.43
CA ASN A 321 0.40 5.36 30.82
C ASN A 321 -0.23 4.74 29.58
N ILE A 322 -0.25 3.40 29.49
CA ILE A 322 -0.77 2.68 28.32
C ILE A 322 -2.26 2.94 28.11
N ASP A 323 -3.09 2.86 29.16
CA ASP A 323 -4.52 3.01 28.96
C ASP A 323 -4.84 4.38 28.35
N GLU A 324 -4.28 5.43 28.93
CA GLU A 324 -4.46 6.79 28.46
C GLU A 324 -4.01 6.90 27.01
N GLY A 325 -2.84 6.33 26.70
CA GLY A 325 -2.29 6.36 25.36
C GLY A 325 -3.19 5.64 24.37
N ILE A 326 -3.65 4.44 24.74
CA ILE A 326 -4.55 3.69 23.90
C ILE A 326 -5.79 4.54 23.61
N ASN A 327 -6.23 5.32 24.61
CA ASN A 327 -7.39 6.17 24.39
C ASN A 327 -7.02 7.35 23.48
N LYS A 328 -5.80 7.88 23.57
CA LYS A 328 -5.42 9.01 22.74
C LYS A 328 -5.40 8.58 21.29
N LEU A 329 -5.00 7.33 21.07
CA LEU A 329 -5.01 6.76 19.72
C LEU A 329 -6.45 6.53 19.24
N GLU A 330 -7.34 6.05 20.13
CA GLU A 330 -8.75 5.88 19.78
C GLU A 330 -9.35 7.25 19.40
N GLU A 331 -9.16 8.24 20.25
CA GLU A 331 -9.52 9.63 19.97
C GLU A 331 -9.00 10.16 18.63
N PHE A 332 -7.75 9.82 18.31
CA PHE A 332 -7.11 10.30 17.10
C PHE A 332 -7.82 9.70 15.88
N PHE A 333 -8.09 8.38 15.91
CA PHE A 333 -8.89 7.75 14.88
C PHE A 333 -10.24 8.45 14.73
N LYS A 334 -10.92 8.73 15.86
CA LYS A 334 -12.19 9.42 15.79
C LYS A 334 -11.94 10.81 15.16
N SER A 335 -10.76 11.44 15.36
CA SER A 335 -10.53 12.76 14.80
C SER A 335 -10.54 12.69 13.26
N LEU A 336 -10.45 11.52 12.66
CA LEU A 336 -10.54 11.42 11.21
C LEU A 336 -11.96 11.05 10.75
N GLY A 337 -12.94 11.10 11.66
CA GLY A 337 -14.33 10.85 11.34
C GLY A 337 -14.70 9.37 11.34
N ILE A 338 -13.89 8.52 12.00
CA ILE A 338 -14.04 7.07 12.02
C ILE A 338 -14.67 6.62 13.34
N ASN A 339 -15.75 5.83 13.28
CA ASN A 339 -16.34 5.23 14.47
C ASN A 339 -15.53 3.99 14.80
N LEU A 340 -15.42 3.67 16.09
CA LEU A 340 -14.37 2.76 16.52
C LEU A 340 -14.87 1.36 16.82
N LYS A 341 -16.18 1.13 16.87
CA LYS A 341 -16.69 -0.19 17.21
C LYS A 341 -17.21 -0.88 15.97
N LEU A 342 -17.36 -2.20 16.05
CA LEU A 342 -17.83 -2.99 14.92
C LEU A 342 -19.35 -2.92 14.92
N SER A 343 -19.95 -2.81 16.11
CA SER A 343 -21.40 -2.67 16.19
C SER A 343 -21.82 -1.52 15.29
N ASP A 344 -21.05 -0.43 15.38
CA ASP A 344 -21.29 0.79 14.63
C ASP A 344 -21.52 0.50 13.15
N TYR A 345 -20.87 -0.52 12.57
CA TYR A 345 -21.01 -0.78 11.15
C TYR A 345 -22.03 -1.91 10.90
N GLY A 346 -22.90 -2.13 11.90
CA GLY A 346 -23.78 -3.29 11.91
C GLY A 346 -23.05 -4.64 11.79
N ILE A 347 -21.74 -4.69 12.07
CA ILE A 347 -21.07 -5.96 12.26
C ILE A 347 -21.41 -6.47 13.66
N THR A 348 -21.88 -7.71 13.68
CA THR A 348 -22.34 -8.39 14.87
C THR A 348 -21.35 -9.51 15.17
N GLU A 349 -21.47 -10.10 16.37
CA GLU A 349 -20.60 -11.19 16.81
C GLU A 349 -20.86 -12.49 16.02
N GLU A 350 -21.86 -12.47 15.13
CA GLU A 350 -22.33 -13.69 14.50
C GLU A 350 -21.15 -14.49 13.97
N TYR A 351 -20.18 -13.86 13.29
CA TYR A 351 -19.18 -14.65 12.58
C TYR A 351 -17.80 -14.53 13.19
N PHE A 352 -17.70 -13.96 14.41
CA PHE A 352 -16.43 -13.89 15.11
C PHE A 352 -15.74 -15.26 15.12
N SER A 353 -16.51 -16.30 15.36
CA SER A 353 -15.98 -17.65 15.29
C SER A 353 -15.44 -17.99 13.90
N LEU A 354 -16.26 -17.82 12.87
CA LEU A 354 -15.87 -18.16 11.51
C LEU A 354 -14.63 -17.37 11.08
N MET A 355 -14.65 -16.06 11.37
CA MET A 355 -13.55 -15.17 11.05
C MET A 355 -12.25 -15.61 11.72
N ALA A 356 -12.35 -16.06 12.98
CA ALA A 356 -11.17 -16.51 13.70
C ALA A 356 -10.58 -17.77 13.08
N GLU A 357 -11.45 -18.73 12.68
CA GLU A 357 -11.02 -19.99 12.08
C GLU A 357 -10.31 -19.71 10.75
N LYS A 358 -10.91 -18.84 9.94
CA LYS A 358 -10.35 -18.57 8.62
C LYS A 358 -9.04 -17.77 8.71
N ALA A 359 -8.87 -16.92 9.73
CA ALA A 359 -7.59 -16.25 9.97
C ALA A 359 -6.46 -17.23 10.23
N LEU A 360 -6.75 -18.21 11.10
CA LEU A 360 -5.74 -19.17 11.52
C LEU A 360 -5.41 -20.11 10.38
N GLY A 361 -6.38 -20.31 9.46
CA GLY A 361 -6.26 -21.36 8.47
C GLY A 361 -5.81 -22.67 9.12
N ASN A 362 -4.76 -23.28 8.57
CA ASN A 362 -4.31 -24.61 8.97
C ASN A 362 -3.25 -24.52 10.07
N SER A 363 -3.33 -23.48 10.92
CA SER A 363 -2.33 -23.20 11.93
C SER A 363 -3.01 -23.18 13.29
N GLU A 364 -2.21 -23.33 14.34
CA GLU A 364 -2.71 -23.36 15.71
C GLU A 364 -2.79 -21.93 16.24
N THR A 365 -1.76 -21.13 15.95
CA THR A 365 -1.77 -19.75 16.40
C THR A 365 -1.43 -18.85 15.22
N LEU A 366 -1.47 -17.54 15.50
CA LEU A 366 -1.16 -16.49 14.54
C LEU A 366 -0.62 -15.24 15.27
N GLY A 367 0.32 -14.53 14.62
CA GLY A 367 1.07 -13.46 15.28
C GLY A 367 2.51 -13.84 15.58
N ARG A 368 3.34 -12.83 15.94
CA ARG A 368 4.74 -13.00 16.31
C ARG A 368 5.03 -12.32 17.65
N PHE A 369 4.58 -11.07 17.79
CA PHE A 369 4.64 -10.36 19.05
C PHE A 369 3.97 -11.21 20.13
N MET A 370 2.73 -11.65 19.84
CA MET A 370 1.98 -12.58 20.70
C MET A 370 1.39 -13.66 19.81
N GLN A 371 1.56 -14.92 20.24
CA GLN A 371 0.91 -16.00 19.52
C GLN A 371 -0.54 -16.08 19.95
N LEU A 372 -1.43 -15.83 18.97
CA LEU A 372 -2.86 -15.68 19.18
C LEU A 372 -3.58 -16.91 18.63
N ASN A 373 -4.31 -17.58 19.53
CA ASN A 373 -5.10 -18.74 19.15
C ASN A 373 -6.55 -18.33 18.91
N LYS A 374 -7.40 -19.31 18.59
CA LYS A 374 -8.69 -19.00 18.02
C LYS A 374 -9.48 -18.16 19.01
N GLN A 375 -9.32 -18.49 20.28
CA GLN A 375 -10.11 -17.86 21.31
C GLN A 375 -9.57 -16.47 21.58
N ASP A 376 -8.23 -16.35 21.47
CA ASP A 376 -7.54 -15.07 21.63
C ASP A 376 -8.05 -14.10 20.56
N ILE A 377 -8.18 -14.60 19.34
CA ILE A 377 -8.71 -13.79 18.26
C ILE A 377 -10.17 -13.39 18.52
N ILE A 378 -11.01 -14.28 19.07
CA ILE A 378 -12.40 -13.93 19.37
C ILE A 378 -12.46 -12.84 20.44
N ASN A 379 -11.65 -13.00 21.51
CA ASN A 379 -11.45 -11.99 22.53
C ASN A 379 -11.11 -10.61 21.93
N ILE A 380 -10.22 -10.57 20.93
CA ILE A 380 -9.83 -9.32 20.31
C ILE A 380 -11.01 -8.69 19.54
N LEU A 381 -11.77 -9.54 18.84
CA LEU A 381 -12.99 -9.16 18.17
C LEU A 381 -14.08 -8.72 19.16
N ASN A 382 -14.06 -9.33 20.36
CA ASN A 382 -14.94 -8.85 21.41
C ASN A 382 -14.48 -7.49 21.92
N LEU A 383 -13.17 -7.27 22.03
CA LEU A 383 -12.70 -5.96 22.45
C LEU A 383 -13.11 -4.90 21.43
N ALA A 384 -13.34 -5.28 20.18
CA ALA A 384 -13.54 -4.29 19.14
C ALA A 384 -15.02 -4.17 18.76
N LYS A 385 -15.91 -4.91 19.43
CA LYS A 385 -17.32 -4.99 19.06
C LYS A 385 -18.06 -3.71 19.45
CO CO B . -1.46 -3.61 7.18
PA NAD C . -6.66 2.06 -5.99
O1A NAD C . -6.14 3.10 -6.93
O2A NAD C . -6.52 0.61 -6.33
O5B NAD C . -8.20 2.41 -5.69
C5B NAD C . -8.42 3.60 -4.89
C4B NAD C . -9.86 4.02 -4.92
O4B NAD C . -9.94 5.47 -4.81
C3B NAD C . -10.63 3.74 -6.21
O3B NAD C . -12.01 3.83 -5.91
C2B NAD C . -10.16 4.90 -7.09
O2B NAD C . -11.14 5.23 -8.05
C1B NAD C . -10.05 6.05 -6.09
N9A NAD C . -8.93 6.98 -6.30
C8A NAD C . -7.60 6.73 -6.54
N7A NAD C . -6.88 7.82 -6.66
C5A NAD C . -7.78 8.85 -6.48
C6A NAD C . -7.65 10.25 -6.49
N6A NAD C . -6.53 10.93 -6.68
N1A NAD C . -8.78 10.98 -6.31
C2A NAD C . -9.93 10.35 -6.12
N3A NAD C . -10.17 9.05 -6.08
C4A NAD C . -9.05 8.34 -6.27
O3 NAD C . -5.96 2.30 -4.56
PN NAD C . -4.74 1.73 -3.66
O1N NAD C . -5.10 1.85 -2.21
O2N NAD C . -3.48 2.39 -4.10
O5D NAD C . -4.76 0.18 -4.11
C5D NAD C . -5.04 -0.99 -3.28
C4D NAD C . -4.39 -2.19 -3.95
O4D NAD C . -3.02 -2.30 -3.50
C3D NAD C . -5.00 -3.59 -3.72
O3D NAD C . -5.12 -4.28 -4.95
C2D NAD C . -3.96 -4.25 -2.81
O2D NAD C . -3.94 -5.67 -2.88
C1D NAD C . -2.71 -3.67 -3.46
N1N NAD C . -1.42 -3.82 -2.77
C2N NAD C . -0.27 -4.00 -3.54
C3N NAD C . 0.97 -4.08 -2.91
C7N NAD C . 2.20 -4.29 -3.76
O7N NAD C . 2.08 -4.79 -4.89
N7N NAD C . 3.34 -3.83 -3.30
C4N NAD C . 1.05 -4.04 -1.54
C5N NAD C . -0.10 -3.86 -0.78
C6N NAD C . -1.33 -3.75 -1.41
CL CL D . -2.99 -1.43 2.81
P PO4 E . -18.12 4.89 18.86
O1 PO4 E . -18.72 6.10 19.58
O2 PO4 E . -19.27 3.87 18.63
O3 PO4 E . -17.51 5.36 17.54
O4 PO4 E . -17.00 4.25 19.70
#